data_2UZ2
#
_entry.id   2UZ2
#
_cell.length_a   110.817
_cell.length_b   110.817
_cell.length_c   142.339
_cell.angle_alpha   90.00
_cell.angle_beta   90.00
_cell.angle_gamma   120.00
#
_symmetry.space_group_name_H-M   'H 3 2'
#
loop_
_entity.id
_entity.type
_entity.pdbx_description
1 polymer XENAVIDIN
2 non-polymer 'ACETATE ION'
3 non-polymer BIOTIN
4 water water
#
_entity_poly.entity_id   1
_entity_poly.type   'polypeptide(L)'
_entity_poly.pdbx_seq_one_letter_code
;TEAQKCNLQGQWRNKLGSNLIIESVSQNGEFTGTYFTSVSLTNSTIRISPLTGYQKLTEKPTFGFTVHWAFSDSITVWTG
QCFLNEKGEEILHTMWLLRSSQEKEQDNWTGTRVGANTFTRLSKKKIRKE
;
_entity_poly.pdbx_strand_id   A,D
#
loop_
_chem_comp.id
_chem_comp.type
_chem_comp.name
_chem_comp.formula
ACT non-polymer 'ACETATE ION' 'C2 H3 O2 -1'
BTN non-polymer BIOTIN 'C10 H16 N2 O3 S'
#
# COMPACT_ATOMS: atom_id res chain seq x y z
N GLN A 4 -23.76 -7.08 7.49
CA GLN A 4 -22.91 -6.29 6.56
C GLN A 4 -22.36 -5.05 7.28
N LYS A 5 -21.11 -5.12 7.72
CA LYS A 5 -20.48 -4.02 8.44
C LYS A 5 -19.04 -3.88 7.98
N CYS A 6 -18.81 -4.19 6.71
CA CYS A 6 -17.51 -3.99 6.05
C CYS A 6 -16.33 -4.78 6.62
N ASN A 7 -16.61 -6.01 7.05
CA ASN A 7 -15.54 -6.98 7.25
C ASN A 7 -15.17 -7.50 5.86
N LEU A 8 -13.96 -7.15 5.43
CA LEU A 8 -13.52 -7.31 4.04
C LEU A 8 -13.40 -8.78 3.59
N GLN A 9 -13.50 -9.68 4.55
CA GLN A 9 -13.40 -11.11 4.30
C GLN A 9 -14.38 -11.54 3.20
N GLY A 10 -13.90 -12.34 2.25
CA GLY A 10 -14.73 -12.90 1.18
C GLY A 10 -14.19 -12.64 -0.22
N GLN A 11 -15.03 -12.87 -1.23
CA GLN A 11 -14.63 -12.69 -2.62
C GLN A 11 -15.26 -11.42 -3.18
N TRP A 12 -14.47 -10.71 -3.96
CA TRP A 12 -14.90 -9.41 -4.54
C TRP A 12 -14.53 -9.37 -6.02
N ARG A 13 -15.27 -8.60 -6.80
CA ARG A 13 -14.88 -8.37 -8.19
C ARG A 13 -14.96 -6.89 -8.56
N ASN A 14 -14.11 -6.48 -9.49
CA ASN A 14 -14.21 -5.14 -10.09
C ASN A 14 -14.72 -5.21 -11.54
N LYS A 15 -14.87 -4.05 -12.17
CA LYS A 15 -15.43 -3.96 -13.51
C LYS A 15 -14.54 -4.52 -14.62
N LEU A 16 -13.26 -4.67 -14.32
CA LEU A 16 -12.28 -5.26 -15.24
C LEU A 16 -12.42 -6.78 -15.25
N GLY A 17 -13.12 -7.31 -14.25
CA GLY A 17 -13.37 -8.75 -14.15
C GLY A 17 -12.35 -9.45 -13.26
N SER A 18 -11.52 -8.65 -12.59
CA SER A 18 -10.55 -9.18 -11.62
C SER A 18 -11.25 -9.65 -10.36
N ASN A 19 -10.65 -10.62 -9.68
CA ASN A 19 -11.21 -11.17 -8.44
C ASN A 19 -10.27 -10.91 -7.29
N LEU A 20 -10.83 -10.42 -6.19
CA LEU A 20 -10.11 -10.11 -4.97
C LEU A 20 -10.65 -11.04 -3.89
N ILE A 21 -9.77 -11.87 -3.32
CA ILE A 21 -10.15 -12.86 -2.33
C ILE A 21 -9.45 -12.49 -1.03
N ILE A 22 -10.22 -12.17 0.01
CA ILE A 22 -9.67 -11.72 1.30
C ILE A 22 -10.00 -12.68 2.44
N GLU A 23 -8.97 -13.06 3.18
CA GLU A 23 -9.11 -14.00 4.28
C GLU A 23 -9.58 -13.32 5.58
N SER A 24 -9.77 -14.13 6.61
CA SER A 24 -10.18 -13.66 7.93
C SER A 24 -9.30 -12.51 8.34
N VAL A 25 -9.91 -11.43 8.78
CA VAL A 25 -9.16 -10.30 9.28
C VAL A 25 -8.67 -10.60 10.70
N SER A 26 -7.39 -10.38 10.95
N SER A 26 -7.38 -10.39 10.94
CA SER A 26 -6.81 -10.61 12.28
CA SER A 26 -6.76 -10.61 12.26
C SER A 26 -7.26 -9.57 13.31
C SER A 26 -7.20 -9.55 13.29
N GLN A 27 -6.98 -9.85 14.58
CA GLN A 27 -7.34 -8.93 15.69
C GLN A 27 -6.84 -7.49 15.50
N ASN A 28 -5.70 -7.35 14.84
CA ASN A 28 -5.06 -6.05 14.64
C ASN A 28 -5.41 -5.44 13.29
N GLY A 29 -6.34 -6.07 12.60
CA GLY A 29 -6.79 -5.60 11.26
C GLY A 29 -6.01 -6.13 10.07
N GLU A 30 -4.98 -6.94 10.30
CA GLU A 30 -4.16 -7.44 9.21
CA GLU A 30 -4.18 -7.42 9.19
C GLU A 30 -4.92 -8.51 8.44
N PHE A 31 -4.78 -8.51 7.13
CA PHE A 31 -5.37 -9.58 6.32
C PHE A 31 -4.44 -10.04 5.20
N THR A 32 -4.71 -11.23 4.71
CA THR A 32 -4.00 -11.83 3.59
CA THR A 32 -4.02 -11.74 3.53
C THR A 32 -5.04 -12.26 2.56
N GLY A 33 -4.59 -12.64 1.38
CA GLY A 33 -5.52 -13.08 0.37
C GLY A 33 -4.84 -13.29 -0.96
N THR A 34 -5.66 -13.28 -2.01
CA THR A 34 -5.26 -13.71 -3.35
C THR A 34 -5.92 -12.78 -4.36
N TYR A 35 -5.19 -12.40 -5.40
CA TYR A 35 -5.74 -11.54 -6.44
C TYR A 35 -5.65 -12.25 -7.79
N PHE A 36 -6.77 -12.31 -8.50
CA PHE A 36 -6.81 -12.95 -9.82
C PHE A 36 -7.23 -11.90 -10.81
N THR A 37 -6.38 -11.62 -11.78
CA THR A 37 -6.62 -10.54 -12.74
C THR A 37 -6.87 -11.09 -14.13
N SER A 38 -7.71 -10.40 -14.90
CA SER A 38 -7.94 -10.75 -16.30
C SER A 38 -7.17 -9.83 -17.23
N VAL A 39 -6.78 -8.65 -16.73
CA VAL A 39 -6.01 -7.68 -17.50
C VAL A 39 -4.50 -7.80 -17.24
N SER A 40 -3.71 -7.14 -18.09
CA SER A 40 -2.25 -7.15 -18.00
C SER A 40 -1.70 -5.97 -18.81
N LEU A 41 -0.52 -5.49 -18.45
CA LEU A 41 0.08 -4.33 -19.16
C LEU A 41 0.46 -4.60 -20.61
N ILE A 46 -3.20 -15.21 -17.43
CA ILE A 46 -3.75 -15.62 -16.13
C ILE A 46 -2.69 -15.57 -15.03
N ARG A 47 -2.94 -14.76 -14.01
CA ARG A 47 -2.04 -14.66 -12.86
C ARG A 47 -2.80 -14.91 -11.55
N ILE A 48 -2.34 -15.86 -10.72
CA ILE A 48 -2.79 -15.81 -9.32
C ILE A 48 -1.66 -15.25 -8.45
N SER A 49 -1.97 -14.20 -7.70
CA SER A 49 -0.96 -13.47 -6.95
C SER A 49 -1.36 -13.25 -5.49
N PRO A 50 -0.38 -13.26 -4.58
CA PRO A 50 -0.71 -13.02 -3.19
C PRO A 50 -0.87 -11.54 -2.84
N LEU A 51 -1.64 -11.28 -1.79
CA LEU A 51 -1.73 -9.91 -1.28
C LEU A 51 -1.65 -9.92 0.25
N THR A 52 -1.25 -8.78 0.79
CA THR A 52 -1.21 -8.59 2.23
C THR A 52 -1.61 -7.13 2.50
N GLY A 53 -2.32 -6.89 3.58
CA GLY A 53 -2.68 -5.52 3.90
C GLY A 53 -3.34 -5.39 5.27
N TYR A 54 -4.00 -4.23 5.49
CA TYR A 54 -4.71 -3.99 6.76
C TYR A 54 -6.04 -3.30 6.49
N GLN A 55 -6.98 -3.56 7.39
CA GLN A 55 -8.18 -2.78 7.46
C GLN A 55 -8.35 -2.17 8.83
N LYS A 56 -8.99 -1.00 8.89
CA LYS A 56 -9.44 -0.46 10.16
C LYS A 56 -10.57 -1.26 10.78
N LEU A 57 -10.74 -1.11 12.09
CA LEU A 57 -11.69 -1.92 12.86
C LEU A 57 -12.97 -1.15 13.14
N THR A 58 -13.15 -0.08 12.37
CA THR A 58 -14.26 0.86 12.56
C THR A 58 -15.40 0.57 11.61
N GLU A 59 -16.54 1.23 11.84
CA GLU A 59 -17.56 1.27 10.83
C GLU A 59 -17.03 2.02 9.60
N LYS A 60 -17.33 1.42 8.45
CA LYS A 60 -16.95 1.91 7.13
C LYS A 60 -15.43 1.99 7.08
N PRO A 61 -14.78 0.84 7.23
CA PRO A 61 -13.35 0.85 7.41
C PRO A 61 -12.60 1.29 6.16
N THR A 62 -11.56 2.08 6.40
CA THR A 62 -10.50 2.24 5.41
C THR A 62 -9.60 1.01 5.39
N PHE A 63 -8.84 0.90 4.32
CA PHE A 63 -7.97 -0.25 4.18
C PHE A 63 -6.94 0.00 3.11
N GLY A 64 -5.93 -0.85 3.09
CA GLY A 64 -4.95 -0.86 2.01
C GLY A 64 -4.31 -2.22 1.85
N PHE A 65 -3.83 -2.51 0.66
CA PHE A 65 -3.11 -3.79 0.45
C PHE A 65 -2.18 -3.71 -0.75
N THR A 66 -1.20 -4.61 -0.77
CA THR A 66 -0.24 -4.72 -1.84
C THR A 66 -0.43 -6.08 -2.53
N VAL A 67 -0.43 -6.10 -3.87
CA VAL A 67 -0.42 -7.37 -4.61
C VAL A 67 0.97 -7.53 -5.21
N HIS A 68 1.57 -8.69 -4.98
CA HIS A 68 2.90 -9.08 -5.45
C HIS A 68 2.72 -9.95 -6.72
N TRP A 69 2.57 -9.27 -7.87
CA TRP A 69 2.23 -9.95 -9.12
C TRP A 69 3.15 -11.11 -9.46
N ALA A 70 2.57 -12.30 -9.69
CA ALA A 70 3.35 -13.50 -9.98
C ALA A 70 3.90 -13.34 -11.39
N PHE A 71 5.11 -13.80 -11.65
CA PHE A 71 5.65 -13.76 -13.03
C PHE A 71 5.65 -12.35 -13.66
N SER A 72 5.89 -11.33 -12.85
CA SER A 72 6.06 -9.99 -13.37
C SER A 72 6.90 -9.21 -12.33
N ASP A 73 7.55 -8.13 -12.78
CA ASP A 73 8.40 -7.34 -11.87
C ASP A 73 7.59 -6.15 -11.33
N SER A 74 6.29 -6.15 -11.57
CA SER A 74 5.43 -5.05 -11.12
C SER A 74 4.82 -5.28 -9.73
N ILE A 75 4.35 -4.19 -9.13
CA ILE A 75 3.65 -4.21 -7.81
C ILE A 75 2.48 -3.27 -7.94
N THR A 76 1.33 -3.63 -7.36
CA THR A 76 0.25 -2.66 -7.21
C THR A 76 -0.18 -2.51 -5.75
N VAL A 77 -0.48 -1.28 -5.37
CA VAL A 77 -1.05 -1.03 -4.03
C VAL A 77 -2.42 -0.40 -4.24
N TRP A 78 -3.34 -0.76 -3.35
CA TRP A 78 -4.67 -0.15 -3.38
C TRP A 78 -4.95 0.41 -2.01
N THR A 79 -5.68 1.50 -1.96
CA THR A 79 -6.23 1.96 -0.68
C THR A 79 -7.65 2.46 -0.91
N GLY A 80 -8.50 2.29 0.10
CA GLY A 80 -9.90 2.58 -0.12
C GLY A 80 -10.71 2.57 1.15
N GLN A 81 -12.01 2.68 0.98
CA GLN A 81 -12.90 2.64 2.12
C GLN A 81 -14.13 1.85 1.71
N CYS A 82 -14.67 1.08 2.65
CA CYS A 82 -15.87 0.31 2.43
C CYS A 82 -17.09 1.09 2.92
N PHE A 83 -18.13 1.17 2.09
CA PHE A 83 -19.41 1.78 2.46
C PHE A 83 -20.54 0.82 2.10
N LEU A 84 -21.70 1.04 2.69
CA LEU A 84 -22.93 0.36 2.25
C LEU A 84 -23.58 1.30 1.25
N ASN A 85 -23.81 0.82 0.03
CA ASN A 85 -24.52 1.63 -0.96
C ASN A 85 -26.01 1.81 -0.64
N GLU A 86 -26.71 2.45 -1.58
CA GLU A 86 -28.11 2.79 -1.43
C GLU A 86 -29.02 1.56 -1.36
N LYS A 87 -28.58 0.46 -1.99
CA LYS A 87 -29.35 -0.79 -1.95
C LYS A 87 -28.99 -1.61 -0.71
N GLY A 88 -28.04 -1.10 0.08
CA GLY A 88 -27.69 -1.71 1.35
C GLY A 88 -26.50 -2.65 1.28
N GLU A 89 -25.87 -2.74 0.12
CA GLU A 89 -24.76 -3.66 -0.05
C GLU A 89 -23.39 -3.04 0.02
N GLU A 90 -22.44 -3.86 0.44
CA GLU A 90 -21.07 -3.43 0.65
C GLU A 90 -20.34 -3.15 -0.67
N ILE A 91 -19.73 -1.98 -0.77
CA ILE A 91 -18.92 -1.61 -1.94
CA ILE A 91 -18.87 -1.71 -1.92
C ILE A 91 -17.57 -1.11 -1.45
N LEU A 92 -16.48 -1.54 -2.10
CA LEU A 92 -15.16 -0.99 -1.80
C LEU A 92 -14.83 0.10 -2.83
N HIS A 93 -14.65 1.35 -2.38
CA HIS A 93 -14.16 2.41 -3.27
C HIS A 93 -12.65 2.49 -3.14
N THR A 94 -11.92 2.24 -4.24
CA THR A 94 -10.47 2.20 -4.16
C THR A 94 -9.78 3.10 -5.17
N MET A 95 -8.57 3.48 -4.79
CA MET A 95 -7.62 4.00 -5.76
CA MET A 95 -7.59 4.07 -5.71
C MET A 95 -6.33 3.20 -5.66
N TRP A 96 -5.57 3.17 -6.75
CA TRP A 96 -4.41 2.29 -6.80
C TRP A 96 -3.23 2.94 -7.50
N LEU A 97 -2.04 2.48 -7.16
CA LEU A 97 -0.80 2.83 -7.87
C LEU A 97 -0.19 1.53 -8.34
N LEU A 98 0.12 1.50 -9.61
CA LEU A 98 0.76 0.35 -10.24
C LEU A 98 2.19 0.73 -10.61
N ARG A 99 3.15 0.07 -9.95
CA ARG A 99 4.57 0.35 -10.20
C ARG A 99 5.16 -0.63 -11.15
N SER A 100 5.79 -0.12 -12.20
CA SER A 100 6.51 -0.98 -13.14
CA SER A 100 6.50 -0.96 -13.15
C SER A 100 7.99 -0.84 -12.89
N SER A 101 8.73 -1.91 -13.16
CA SER A 101 10.14 -1.90 -12.96
C SER A 101 10.82 -1.18 -14.12
N GLN A 102 11.56 -0.13 -13.79
CA GLN A 102 12.40 0.58 -14.74
C GLN A 102 13.84 0.12 -14.78
N GLU A 103 14.46 0.29 -15.94
CA GLU A 103 15.80 -0.21 -16.16
C GLU A 103 16.85 0.66 -15.46
N LYS A 104 16.55 1.94 -15.29
CA LYS A 104 17.51 2.93 -14.78
C LYS A 104 16.84 4.02 -14.00
N GLU A 105 17.60 4.64 -13.10
CA GLU A 105 17.08 5.64 -12.18
CA GLU A 105 17.06 5.62 -12.18
C GLU A 105 16.47 6.82 -12.94
N GLN A 106 17.13 7.21 -14.03
CA GLN A 106 16.65 8.33 -14.85
C GLN A 106 15.25 8.11 -15.46
N ASP A 107 14.80 6.86 -15.53
CA ASP A 107 13.48 6.50 -16.09
C ASP A 107 12.39 6.39 -15.01
N ASN A 108 12.75 6.66 -13.76
CA ASN A 108 11.81 6.52 -12.66
C ASN A 108 10.48 7.29 -12.86
N TRP A 109 10.57 8.47 -13.47
CA TRP A 109 9.39 9.30 -13.70
C TRP A 109 8.27 8.58 -14.43
N THR A 110 8.62 7.54 -15.20
CA THR A 110 7.61 6.87 -16.02
CA THR A 110 7.67 6.79 -16.06
C THR A 110 7.02 5.62 -15.34
N GLY A 111 7.46 5.33 -14.11
CA GLY A 111 7.18 4.02 -13.50
C GLY A 111 5.90 3.85 -12.71
N THR A 112 5.06 4.90 -12.61
CA THR A 112 3.89 4.78 -11.71
C THR A 112 2.59 5.16 -12.38
N ARG A 113 1.71 4.18 -12.56
CA ARG A 113 0.37 4.42 -13.09
C ARG A 113 -0.58 4.55 -11.90
N VAL A 114 -1.66 5.28 -12.13
CA VAL A 114 -2.68 5.46 -11.10
C VAL A 114 -4.05 5.15 -11.69
N GLY A 115 -4.97 4.75 -10.80
CA GLY A 115 -6.33 4.47 -11.22
C GLY A 115 -7.29 4.32 -10.05
N ALA A 116 -8.54 4.05 -10.37
CA ALA A 116 -9.57 3.84 -9.36
C ALA A 116 -10.41 2.65 -9.78
N ASN A 117 -10.88 1.87 -8.80
CA ASN A 117 -11.93 0.88 -9.13
C ASN A 117 -12.84 0.68 -7.94
N THR A 118 -14.05 0.25 -8.21
CA THR A 118 -15.01 -0.13 -7.18
CA THR A 118 -14.96 -0.14 -7.16
C THR A 118 -15.12 -1.66 -7.18
N PHE A 119 -15.09 -2.27 -6.00
CA PHE A 119 -15.33 -3.70 -5.91
C PHE A 119 -16.69 -3.95 -5.30
N THR A 120 -17.35 -5.01 -5.78
CA THR A 120 -18.61 -5.47 -5.23
C THR A 120 -18.44 -6.95 -4.92
N ARG A 121 -19.26 -7.49 -4.04
CA ARG A 121 -19.16 -8.91 -3.68
C ARG A 121 -19.56 -9.88 -4.80
N LEU A 122 -18.85 -11.00 -4.92
CA LEU A 122 -19.26 -12.09 -5.82
C LEU A 122 -20.35 -12.89 -5.14
N LYS B 5 20.93 -5.66 -6.63
CA LYS B 5 19.92 -5.99 -5.57
C LYS B 5 20.02 -4.97 -4.42
N CYS B 6 19.04 -4.88 -3.51
CA CYS B 6 19.05 -3.73 -2.57
C CYS B 6 19.18 -3.85 -1.05
N ASN B 7 18.56 -4.87 -0.49
CA ASN B 7 18.32 -4.95 0.94
C ASN B 7 17.46 -3.82 1.41
N LEU B 8 16.17 -4.09 1.39
CA LEU B 8 15.25 -3.10 1.91
C LEU B 8 15.27 -3.12 3.44
N GLN B 9 15.85 -4.16 4.05
CA GLN B 9 15.96 -4.18 5.53
C GLN B 9 16.65 -2.95 6.08
N GLY B 10 16.24 -2.55 7.29
CA GLY B 10 16.93 -1.50 8.01
C GLY B 10 16.17 -0.19 8.03
N GLN B 11 16.90 0.88 8.29
CA GLN B 11 16.26 2.17 8.52
C GLN B 11 16.47 3.09 7.35
N TRP B 12 15.42 3.82 7.02
CA TRP B 12 15.41 4.78 5.94
C TRP B 12 14.72 6.04 6.45
N ARG B 13 15.04 7.17 5.82
CA ARG B 13 14.34 8.41 6.16
C ARG B 13 13.94 9.11 4.89
N ASN B 14 12.84 9.85 4.93
CA ASN B 14 12.56 10.74 3.79
C ASN B 14 12.87 12.20 4.11
N LYS B 15 12.60 13.09 3.16
CA LYS B 15 12.99 14.47 3.31
C LYS B 15 12.21 15.18 4.43
N LEU B 16 11.03 14.65 4.76
CA LEU B 16 10.21 15.16 5.87
C LEU B 16 10.75 14.74 7.23
N GLY B 17 11.66 13.76 7.25
CA GLY B 17 12.25 13.24 8.50
C GLY B 17 11.57 11.99 9.04
N SER B 18 10.57 11.51 8.30
CA SER B 18 9.88 10.27 8.67
C SER B 18 10.84 9.10 8.57
N ASN B 19 10.62 8.11 9.42
CA ASN B 19 11.51 6.98 9.55
CA ASN B 19 11.52 6.95 9.61
C ASN B 19 10.80 5.68 9.16
N LEU B 20 11.33 4.98 8.15
CA LEU B 20 10.78 3.70 7.67
C LEU B 20 11.73 2.61 8.17
N ILE B 21 11.23 1.60 8.86
CA ILE B 21 12.11 0.50 9.31
C ILE B 21 11.55 -0.78 8.75
N ILE B 22 12.36 -1.51 8.02
CA ILE B 22 11.94 -2.83 7.51
C ILE B 22 12.71 -3.87 8.31
N GLU B 23 11.94 -4.69 9.03
N GLU B 23 11.96 -4.70 9.03
CA GLU B 23 12.43 -5.62 10.06
CA GLU B 23 12.56 -5.58 10.03
C GLU B 23 13.00 -6.88 9.41
C GLU B 23 13.02 -6.90 9.41
N SER B 24 12.30 -7.39 8.41
CA SER B 24 12.63 -8.70 7.84
CA SER B 24 12.70 -8.66 7.79
C SER B 24 12.04 -8.83 6.44
N VAL B 25 12.72 -9.61 5.57
CA VAL B 25 12.23 -9.88 4.23
C VAL B 25 12.30 -11.40 4.02
N SER B 26 11.18 -11.98 3.63
CA SER B 26 11.11 -13.43 3.40
CA SER B 26 11.07 -13.43 3.39
C SER B 26 11.41 -13.78 1.95
N GLN B 27 11.60 -15.07 1.69
CA GLN B 27 11.96 -15.53 0.35
C GLN B 27 10.85 -15.31 -0.68
N ASN B 28 9.63 -15.07 -0.20
CA ASN B 28 8.53 -14.84 -1.15
C ASN B 28 8.41 -13.35 -1.41
N GLY B 29 9.34 -12.59 -0.82
CA GLY B 29 9.35 -11.09 -0.98
C GLY B 29 8.58 -10.34 0.09
N GLU B 30 7.88 -11.06 0.96
CA GLU B 30 7.03 -10.37 1.96
C GLU B 30 7.90 -9.72 3.00
N PHE B 31 7.53 -8.52 3.44
CA PHE B 31 8.27 -7.89 4.50
C PHE B 31 7.34 -7.24 5.50
N THR B 32 7.90 -6.99 6.68
CA THR B 32 7.18 -6.31 7.74
CA THR B 32 7.20 -6.36 7.78
C THR B 32 8.10 -5.27 8.38
N GLY B 33 7.50 -4.31 9.06
CA GLY B 33 8.28 -3.29 9.72
C GLY B 33 7.39 -2.25 10.36
N THR B 34 7.97 -1.07 10.52
CA THR B 34 7.22 0.04 11.14
C THR B 34 7.50 1.35 10.44
N TYR B 35 6.61 2.29 10.66
CA TYR B 35 6.79 3.63 10.07
C TYR B 35 6.51 4.65 11.15
N PHE B 36 7.41 5.61 11.27
CA PHE B 36 7.17 6.68 12.20
C PHE B 36 7.11 7.99 11.42
N THR B 37 5.91 8.53 11.30
CA THR B 37 5.78 9.75 10.48
C THR B 37 6.11 11.06 11.23
N SER B 38 6.80 11.98 10.56
CA SER B 38 7.12 13.26 11.16
CA SER B 38 7.15 13.27 11.12
C SER B 38 6.00 14.26 10.91
N VAL B 39 5.04 13.85 10.09
CA VAL B 39 3.87 14.66 9.70
C VAL B 39 2.53 13.89 9.76
N SER B 40 1.45 14.60 10.08
N SER B 40 1.46 14.61 10.09
CA SER B 40 0.16 13.94 10.07
CA SER B 40 0.16 13.95 10.16
C SER B 40 -0.94 14.92 9.73
C SER B 40 -0.99 14.92 9.88
N LEU B 41 -2.12 14.38 9.41
CA LEU B 41 -3.32 15.21 9.23
C LEU B 41 -3.92 15.52 10.60
N THR B 42 -3.94 14.50 11.46
CA THR B 42 -4.53 14.58 12.81
C THR B 42 -3.71 15.43 13.79
N ASN B 43 -4.36 15.83 14.88
CA ASN B 43 -3.68 16.51 15.98
CA ASN B 43 -3.73 16.53 16.00
C ASN B 43 -3.31 15.53 17.09
N SER B 44 -3.68 14.26 16.89
CA SER B 44 -3.37 13.20 17.85
C SER B 44 -1.86 12.96 17.86
N THR B 45 -1.37 12.45 18.98
CA THR B 45 0.03 12.10 19.17
C THR B 45 0.39 11.04 18.14
N ILE B 46 1.41 11.32 17.35
CA ILE B 46 1.94 10.29 16.43
C ILE B 46 2.63 9.16 17.21
N ARG B 47 2.34 7.93 16.80
CA ARG B 47 3.06 6.76 17.32
CA ARG B 47 2.98 6.73 17.35
C ARG B 47 3.51 5.88 16.21
N ILE B 48 4.58 5.12 16.48
CA ILE B 48 5.10 4.13 15.55
C ILE B 48 3.94 3.25 15.11
N SER B 49 3.87 2.98 13.81
CA SER B 49 2.76 2.22 13.22
C SER B 49 3.28 1.06 12.40
N PRO B 50 2.55 -0.06 12.38
CA PRO B 50 3.05 -1.23 11.66
C PRO B 50 2.84 -1.17 10.15
N LEU B 51 3.65 -1.94 9.42
CA LEU B 51 3.45 -2.03 7.98
C LEU B 51 3.69 -3.46 7.51
N THR B 52 3.09 -3.78 6.36
CA THR B 52 3.34 -5.07 5.68
CA THR B 52 3.36 -5.05 5.68
C THR B 52 3.40 -4.78 4.19
N GLY B 53 4.24 -5.53 3.47
CA GLY B 53 4.30 -5.33 2.03
C GLY B 53 5.14 -6.41 1.38
N TYR B 54 5.50 -6.13 0.14
CA TYR B 54 6.31 -7.07 -0.66
C TYR B 54 7.30 -6.32 -1.49
N GLN B 55 8.47 -6.94 -1.68
CA GLN B 55 9.41 -6.52 -2.70
C GLN B 55 9.65 -7.64 -3.67
N LYS B 56 10.04 -7.27 -4.87
CA LYS B 56 10.73 -8.21 -5.76
C LYS B 56 12.15 -8.44 -5.27
N LEU B 57 12.65 -9.66 -5.43
CA LEU B 57 14.03 -9.97 -5.01
C LEU B 57 14.97 -9.96 -6.23
N THR B 58 14.93 -8.84 -6.95
CA THR B 58 15.62 -8.65 -8.20
C THR B 58 16.61 -7.50 -8.03
N GLU B 59 17.45 -7.30 -9.04
CA GLU B 59 18.19 -6.07 -9.10
C GLU B 59 17.17 -4.94 -9.20
N LYS B 60 17.50 -3.84 -8.55
CA LYS B 60 16.67 -2.63 -8.56
C LYS B 60 15.21 -2.97 -8.23
N PRO B 61 14.98 -3.51 -7.03
CA PRO B 61 13.68 -4.09 -6.73
C PRO B 61 12.56 -3.04 -6.65
N THR B 62 11.41 -3.36 -7.22
CA THR B 62 10.15 -2.65 -6.94
C THR B 62 9.56 -3.20 -5.64
N PHE B 63 8.65 -2.44 -5.02
CA PHE B 63 8.08 -2.91 -3.73
C PHE B 63 6.81 -2.11 -3.47
N GLY B 64 6.00 -2.60 -2.54
CA GLY B 64 4.86 -1.79 -2.08
C GLY B 64 4.59 -2.15 -0.65
N PHE B 65 3.97 -1.24 0.10
CA PHE B 65 3.56 -1.60 1.46
C PHE B 65 2.44 -0.73 1.96
N THR B 66 1.78 -1.19 3.01
CA THR B 66 0.66 -0.42 3.62
C THR B 66 1.06 -0.12 5.06
N VAL B 67 0.76 1.10 5.52
CA VAL B 67 0.96 1.46 6.92
C VAL B 67 -0.40 1.56 7.57
N HIS B 68 -0.58 0.86 8.68
CA HIS B 68 -1.82 0.86 9.47
C HIS B 68 -1.66 1.84 10.62
N TRP B 69 -1.96 3.12 10.38
CA TRP B 69 -1.64 4.15 11.38
C TRP B 69 -2.29 3.80 12.70
N ALA B 70 -1.50 3.86 13.76
CA ALA B 70 -1.95 3.46 15.08
C ALA B 70 -2.74 4.53 15.81
N PHE B 71 -2.81 5.74 15.24
CA PHE B 71 -3.29 6.92 15.97
C PHE B 71 -4.39 7.67 15.20
N SER B 72 -4.82 7.09 14.08
CA SER B 72 -5.88 7.71 13.26
C SER B 72 -6.63 6.63 12.49
N ASP B 73 -7.76 7.00 11.86
CA ASP B 73 -8.51 6.02 11.04
C ASP B 73 -8.09 5.99 9.58
N SER B 74 -6.94 6.61 9.28
CA SER B 74 -6.36 6.65 7.93
C SER B 74 -5.51 5.44 7.59
N ILE B 75 -5.21 5.25 6.31
CA ILE B 75 -4.29 4.22 5.83
C ILE B 75 -3.46 4.89 4.75
N THR B 76 -2.19 4.52 4.66
CA THR B 76 -1.37 5.00 3.52
C THR B 76 -0.69 3.81 2.87
N VAL B 77 -0.63 3.84 1.55
CA VAL B 77 0.12 2.83 0.78
C VAL B 77 1.22 3.54 0.00
N TRP B 78 2.37 2.87 -0.11
CA TRP B 78 3.49 3.37 -0.93
C TRP B 78 3.88 2.30 -1.92
N THR B 79 4.30 2.73 -3.09
CA THR B 79 4.97 1.80 -4.03
C THR B 79 6.13 2.51 -4.72
N GLY B 80 7.19 1.77 -5.02
CA GLY B 80 8.36 2.43 -5.55
C GLY B 80 9.37 1.45 -6.05
N GLN B 81 10.56 1.97 -6.27
CA GLN B 81 11.65 1.16 -6.75
C GLN B 81 12.94 1.66 -6.13
N CYS B 82 13.83 0.72 -5.83
CA CYS B 82 15.15 1.06 -5.30
C CYS B 82 16.20 1.16 -6.42
N PHE B 83 16.99 2.23 -6.39
CA PHE B 83 18.11 2.38 -7.30
C PHE B 83 19.39 2.71 -6.53
N LEU B 84 20.53 2.64 -7.18
CA LEU B 84 21.74 3.27 -6.67
C LEU B 84 21.93 4.59 -7.38
N ASN B 85 22.16 5.67 -6.62
CA ASN B 85 22.43 6.98 -7.22
C ASN B 85 23.86 7.08 -7.76
N GLU B 86 24.24 8.29 -8.17
CA GLU B 86 25.59 8.61 -8.65
C GLU B 86 26.69 8.15 -7.69
N LYS B 87 26.49 8.44 -6.40
CA LYS B 87 27.52 8.19 -5.37
C LYS B 87 27.50 6.73 -4.92
N GLY B 88 26.59 5.93 -5.49
CA GLY B 88 26.49 4.52 -5.17
C GLY B 88 25.69 4.27 -3.90
N GLU B 89 24.96 5.30 -3.46
CA GLU B 89 24.09 5.18 -2.27
C GLU B 89 22.69 4.73 -2.69
N GLU B 90 22.05 3.93 -1.82
CA GLU B 90 20.72 3.35 -2.09
C GLU B 90 19.66 4.41 -1.90
N ILE B 91 18.70 4.43 -2.83
CA ILE B 91 17.60 5.39 -2.76
CA ILE B 91 17.59 5.37 -2.73
C ILE B 91 16.29 4.69 -3.14
N LEU B 92 15.23 4.97 -2.40
CA LEU B 92 13.93 4.42 -2.76
C LEU B 92 13.11 5.57 -3.30
N HIS B 93 12.72 5.49 -4.57
CA HIS B 93 11.75 6.41 -5.16
C HIS B 93 10.35 5.86 -5.00
N THR B 94 9.48 6.61 -4.32
CA THR B 94 8.13 6.15 -4.02
C THR B 94 7.07 7.19 -4.36
N MET B 95 5.88 6.65 -4.60
CA MET B 95 4.70 7.47 -4.54
CA MET B 95 4.64 7.42 -4.67
C MET B 95 3.73 6.82 -3.60
N TRP B 96 2.84 7.62 -3.04
CA TRP B 96 1.94 7.12 -2.01
C TRP B 96 0.52 7.63 -2.18
N LEU B 97 -0.44 6.88 -1.63
CA LEU B 97 -1.83 7.36 -1.53
C LEU B 97 -2.18 7.29 -0.06
N LEU B 98 -2.73 8.39 0.45
CA LEU B 98 -3.18 8.49 1.83
C LEU B 98 -4.71 8.56 1.83
N ARG B 99 -5.30 7.53 2.41
CA ARG B 99 -6.74 7.42 2.53
C ARG B 99 -7.21 7.94 3.87
N SER B 100 -8.10 8.92 3.85
CA SER B 100 -8.73 9.32 5.11
CA SER B 100 -8.75 9.38 5.08
C SER B 100 -10.12 8.73 5.22
N SER B 101 -10.55 8.55 6.47
CA SER B 101 -11.86 8.01 6.72
C SER B 101 -12.96 9.07 6.58
N GLN B 102 -13.81 8.86 5.58
CA GLN B 102 -14.96 9.70 5.32
C GLN B 102 -16.22 9.21 6.02
N GLU B 103 -17.12 10.15 6.31
CA GLU B 103 -18.33 9.87 7.11
C GLU B 103 -19.37 9.11 6.30
N LYS B 104 -19.44 9.41 5.00
CA LYS B 104 -20.48 8.84 4.16
C LYS B 104 -19.97 8.63 2.77
N GLU B 105 -20.63 7.73 2.04
CA GLU B 105 -20.25 7.38 0.69
C GLU B 105 -20.17 8.58 -0.23
N GLN B 106 -21.12 9.50 -0.10
CA GLN B 106 -21.15 10.71 -0.96
C GLN B 106 -19.89 11.60 -0.83
N ASP B 107 -19.10 11.41 0.22
CA ASP B 107 -17.88 12.20 0.43
C ASP B 107 -16.65 11.43 0.00
N ASN B 108 -16.86 10.28 -0.63
CA ASN B 108 -15.73 9.41 -0.98
C ASN B 108 -14.67 10.14 -1.80
N TRP B 109 -15.16 10.99 -2.71
CA TRP B 109 -14.31 11.69 -3.67
C TRP B 109 -13.22 12.53 -3.03
N THR B 110 -13.44 12.99 -1.78
CA THR B 110 -12.49 13.82 -1.02
CA THR B 110 -12.46 13.82 -1.07
C THR B 110 -11.46 13.01 -0.24
N GLY B 111 -11.56 11.69 -0.32
CA GLY B 111 -10.85 10.84 0.64
C GLY B 111 -9.44 10.38 0.33
N THR B 112 -8.89 10.78 -0.83
CA THR B 112 -7.58 10.20 -1.19
C THR B 112 -6.58 11.30 -1.61
N ARG B 113 -5.49 11.42 -0.85
CA ARG B 113 -4.38 12.33 -1.18
C ARG B 113 -3.27 11.53 -1.85
N VAL B 114 -2.47 12.23 -2.65
CA VAL B 114 -1.34 11.60 -3.34
C VAL B 114 -0.05 12.40 -3.16
N GLY B 115 1.08 11.70 -3.21
CA GLY B 115 2.35 12.42 -3.11
C GLY B 115 3.51 11.51 -3.45
N ALA B 116 4.70 12.08 -3.37
CA ALA B 116 5.94 11.33 -3.72
C ALA B 116 6.91 11.50 -2.58
N ASN B 117 7.72 10.48 -2.28
CA ASN B 117 8.89 10.77 -1.47
C ASN B 117 10.03 9.88 -1.85
N THR B 118 11.23 10.40 -1.64
CA THR B 118 12.43 9.56 -1.82
CA THR B 118 12.45 9.61 -1.82
C THR B 118 13.01 9.27 -0.43
N PHE B 119 13.39 8.03 -0.21
CA PHE B 119 14.00 7.60 1.06
C PHE B 119 15.47 7.32 0.86
N THR B 120 16.29 7.68 1.85
CA THR B 120 17.72 7.36 1.81
C THR B 120 18.11 6.71 3.15
N ARG B 121 19.34 6.23 3.24
CA ARG B 121 19.84 5.75 4.53
C ARG B 121 20.13 6.91 5.47
N LEU B 122 20.16 6.60 6.76
CA LEU B 122 20.44 7.61 7.78
C LEU B 122 21.91 8.02 7.69
N SER B 123 22.14 9.34 7.68
CA SER B 123 23.47 9.90 7.46
C SER B 123 24.35 9.84 8.71
C ACT C . -6.91 -4.94 -11.66
O ACT C . -6.10 -5.62 -12.34
OXT ACT C . -7.90 -5.54 -11.25
CH3 ACT C . -6.71 -3.49 -11.37
C11 BTN D . -3.11 10.73 9.69
O11 BTN D . -4.34 10.50 9.55
O12 BTN D . -2.77 11.86 10.10
C10 BTN D . -2.06 9.67 9.37
C9 BTN D . -0.68 10.26 9.16
C8 BTN D . -0.43 10.57 7.68
C7 BTN D . 1.04 10.65 7.33
C2 BTN D . 1.28 10.92 5.83
S1 BTN D . 0.92 9.58 4.91
C6 BTN D . 1.99 10.14 3.54
C5 BTN D . 3.05 11.11 4.03
N1 BTN D . 4.41 10.57 4.14
C3 BTN D . 4.84 10.62 5.41
O3 BTN D . 6.17 10.50 5.84
N2 BTN D . 3.82 10.89 6.22
C4 BTN D . 2.69 11.43 5.48
#